data_2VRF
#
_entry.id   2VRF
#
_cell.length_a   56.687
_cell.length_b   29.503
_cell.length_c   128.382
_cell.angle_alpha   90.00
_cell.angle_beta   95.78
_cell.angle_gamma   90.00
#
_symmetry.space_group_name_H-M   'P 1 21 1'
#
loop_
_entity.id
_entity.type
_entity.pdbx_description
1 polymer BETA-2-SYNTROPHIN
2 non-polymer 1,2-ETHANEDIOL
3 water water
#
_entity_poly.entity_id   1
_entity_poly.type   'polypeptide(L)'
_entity_poly.pdbx_seq_one_letter_code
;SMPVRRVRVVKQEAGGLGISIKGGRENRMPILISKIFPGLAADQSRALRLGDAILSVNGTDLRQATHDQAVQALKRAGKE
VLLEVKFIREVNTVV
;
_entity_poly.pdbx_strand_id   A,B,C,D
#
loop_
_chem_comp.id
_chem_comp.type
_chem_comp.name
_chem_comp.formula
EDO non-polymer 1,2-ETHANEDIOL 'C2 H6 O2'
#
# COMPACT_ATOMS: atom_id res chain seq x y z
N SER A 1 -27.44 9.97 1.82
CA SER A 1 -28.31 11.01 2.45
C SER A 1 -29.17 11.71 1.40
N MET A 2 -29.33 11.07 0.25
CA MET A 2 -30.20 11.56 -0.79
C MET A 2 -31.61 11.34 -0.25
N PRO A 3 -32.58 12.19 -0.68
CA PRO A 3 -33.98 11.95 -0.29
C PRO A 3 -34.58 10.64 -0.78
N VAL A 4 -35.44 10.05 0.03
CA VAL A 4 -36.22 8.91 -0.50
C VAL A 4 -37.36 9.38 -1.42
N ARG A 5 -37.60 8.59 -2.47
CA ARG A 5 -38.67 8.78 -3.43
C ARG A 5 -39.55 7.50 -3.45
N ARG A 6 -40.86 7.69 -3.46
CA ARG A 6 -41.79 6.55 -3.58
C ARG A 6 -42.34 6.57 -4.98
N VAL A 7 -42.04 5.50 -5.68
CA VAL A 7 -42.20 5.41 -7.17
C VAL A 7 -43.13 4.27 -7.54
N ARG A 8 -44.13 4.55 -8.37
CA ARG A 8 -45.07 3.51 -8.83
C ARG A 8 -44.57 2.97 -10.16
N VAL A 9 -44.54 1.65 -10.26
CA VAL A 9 -44.35 0.91 -11.50
C VAL A 9 -45.52 -0.07 -11.69
N VAL A 10 -46.08 -0.12 -12.89
CA VAL A 10 -47.09 -1.08 -13.22
C VAL A 10 -46.49 -2.04 -14.22
N LYS A 11 -46.49 -3.31 -13.85
CA LYS A 11 -46.04 -4.37 -14.71
C LYS A 11 -47.09 -4.65 -15.79
N GLN A 12 -46.61 -5.18 -16.90
CA GLN A 12 -47.48 -5.83 -17.85
C GLN A 12 -48.10 -7.07 -17.14
N GLU A 13 -49.27 -7.49 -17.59
CA GLU A 13 -49.85 -8.71 -17.07
C GLU A 13 -48.95 -9.91 -17.40
N ALA A 14 -48.26 -9.87 -18.53
CA ALA A 14 -47.26 -10.88 -18.87
C ALA A 14 -45.90 -10.22 -18.97
N GLY A 15 -45.34 -9.89 -17.81
CA GLY A 15 -44.05 -9.26 -17.75
C GLY A 15 -43.66 -8.88 -16.34
N GLY A 16 -42.52 -8.21 -16.23
CA GLY A 16 -41.99 -7.75 -14.96
C GLY A 16 -41.74 -6.26 -14.96
N LEU A 17 -40.75 -5.87 -14.17
CA LEU A 17 -40.49 -4.50 -13.83
C LEU A 17 -39.64 -3.84 -14.89
N GLY A 18 -38.94 -4.61 -15.68
CA GLY A 18 -38.14 -4.04 -16.73
C GLY A 18 -36.88 -3.39 -16.20
N ILE A 19 -36.29 -4.03 -15.18
CA ILE A 19 -34.98 -3.64 -14.65
C ILE A 19 -34.18 -4.90 -14.33
N SER A 20 -32.86 -4.70 -14.18
CA SER A 20 -32.01 -5.65 -13.48
C SER A 20 -31.59 -5.02 -12.16
N ILE A 21 -31.30 -5.88 -11.19
CA ILE A 21 -30.80 -5.46 -9.87
C ILE A 21 -29.52 -6.24 -9.57
N LYS A 22 -28.66 -5.64 -8.77
CA LYS A 22 -27.49 -6.25 -8.21
C LYS A 22 -27.49 -5.94 -6.72
N GLY A 23 -26.61 -6.60 -5.98
CA GLY A 23 -26.36 -6.23 -4.60
C GLY A 23 -27.03 -7.20 -3.67
N GLY A 24 -27.10 -6.88 -2.38
CA GLY A 24 -27.67 -7.81 -1.45
C GLY A 24 -26.92 -7.92 -0.16
N ARG A 25 -27.62 -8.39 0.88
CA ARG A 25 -27.07 -8.41 2.22
C ARG A 25 -25.91 -9.36 2.33
N GLU A 26 -25.90 -10.43 1.55
CA GLU A 26 -24.83 -11.44 1.68
C GLU A 26 -23.45 -10.82 1.48
N ASN A 27 -23.40 -9.69 0.80
CA ASN A 27 -22.17 -8.93 0.61
C ASN A 27 -22.22 -7.54 1.18
N ARG A 28 -23.18 -7.27 2.07
CA ARG A 28 -23.31 -5.98 2.69
C ARG A 28 -23.48 -4.87 1.65
N MET A 29 -24.08 -5.24 0.52
CA MET A 29 -24.37 -4.34 -0.57
C MET A 29 -25.87 -4.05 -0.59
N PRO A 30 -26.25 -2.81 -0.87
CA PRO A 30 -27.68 -2.60 -1.03
C PRO A 30 -28.17 -3.17 -2.35
N ILE A 31 -29.47 -3.38 -2.44
CA ILE A 31 -30.09 -3.67 -3.70
C ILE A 31 -30.14 -2.44 -4.59
N LEU A 32 -29.51 -2.51 -5.78
CA LEU A 32 -29.41 -1.37 -6.70
C LEU A 32 -29.87 -1.75 -8.07
N ILE A 33 -30.47 -0.76 -8.73
CA ILE A 33 -30.88 -0.91 -10.12
C ILE A 33 -29.68 -0.78 -10.97
N SER A 34 -29.39 -1.82 -11.77
CA SER A 34 -28.22 -1.84 -12.60
C SER A 34 -28.60 -1.69 -14.06
N LYS A 35 -29.84 -1.91 -14.42
CA LYS A 35 -30.29 -1.61 -15.76
C LYS A 35 -31.77 -1.28 -15.79
N ILE A 36 -32.13 -0.32 -16.62
CA ILE A 36 -33.55 -0.01 -16.92
C ILE A 36 -33.74 -0.24 -18.40
N PHE A 37 -34.56 -1.22 -18.74
CA PHE A 37 -34.74 -1.62 -20.11
C PHE A 37 -35.67 -0.63 -20.82
N PRO A 38 -35.22 -0.10 -21.96
CA PRO A 38 -35.94 0.95 -22.67
C PRO A 38 -37.37 0.56 -22.99
N GLY A 39 -38.32 1.45 -22.67
CA GLY A 39 -39.71 1.27 -23.04
C GLY A 39 -40.53 0.30 -22.22
N LEU A 40 -39.88 -0.48 -21.35
CA LEU A 40 -40.58 -1.40 -20.44
C LEU A 40 -41.03 -0.65 -19.19
N ALA A 41 -41.60 -1.38 -18.24
CA ALA A 41 -42.42 -0.80 -17.20
C ALA A 41 -41.73 0.26 -16.38
N ALA A 42 -40.53 0.00 -15.88
CA ALA A 42 -39.83 0.97 -15.03
C ALA A 42 -39.44 2.19 -15.86
N ASP A 43 -39.05 1.97 -17.11
CA ASP A 43 -38.73 3.07 -18.00
C ASP A 43 -39.96 3.96 -18.24
N GLN A 44 -41.14 3.36 -18.38
CA GLN A 44 -42.36 4.13 -18.58
C GLN A 44 -42.78 4.96 -17.38
N SER A 45 -42.33 4.61 -16.19
CA SER A 45 -42.60 5.44 -15.02
C SER A 45 -41.86 6.77 -15.10
N ARG A 46 -40.74 6.82 -15.84
CA ARG A 46 -39.89 8.02 -15.98
C ARG A 46 -39.42 8.55 -14.63
N ALA A 47 -39.36 7.70 -13.63
CA ALA A 47 -39.08 8.14 -12.27
C ALA A 47 -37.91 7.37 -11.61
N LEU A 48 -37.38 6.40 -12.30
CA LEU A 48 -36.25 5.60 -11.71
C LEU A 48 -34.95 5.93 -12.40
N ARG A 49 -33.84 5.62 -11.74
CA ARG A 49 -32.55 5.99 -12.24
C ARG A 49 -31.64 4.78 -12.04
N LEU A 50 -30.79 4.54 -13.01
CA LEU A 50 -29.62 3.67 -12.81
C LEU A 50 -28.91 4.10 -11.54
N GLY A 51 -28.73 3.15 -10.62
CA GLY A 51 -27.98 3.41 -9.42
C GLY A 51 -28.81 3.79 -8.23
N ASP A 52 -30.14 3.77 -8.38
CA ASP A 52 -31.07 3.98 -7.28
C ASP A 52 -31.02 2.71 -6.45
N ALA A 53 -31.01 2.88 -5.14
CA ALA A 53 -31.09 1.78 -4.18
C ALA A 53 -32.57 1.50 -4.01
N ILE A 54 -32.99 0.25 -4.13
CA ILE A 54 -34.37 -0.15 -3.77
C ILE A 54 -34.42 -0.53 -2.32
N LEU A 55 -35.11 0.30 -1.51
CA LEU A 55 -35.17 0.12 -0.07
C LEU A 55 -36.36 -0.74 0.34
N SER A 56 -37.46 -0.63 -0.39
CA SER A 56 -38.64 -1.47 -0.11
C SER A 56 -39.58 -1.56 -1.28
N VAL A 57 -40.46 -2.56 -1.24
CA VAL A 57 -41.41 -2.78 -2.26
C VAL A 57 -42.75 -3.19 -1.62
N ASN A 58 -43.78 -2.41 -1.84
CA ASN A 58 -45.13 -2.73 -1.27
C ASN A 58 -45.09 -3.21 0.19
N GLY A 59 -44.36 -2.47 1.02
CA GLY A 59 -44.33 -2.73 2.42
C GLY A 59 -43.26 -3.79 2.79
N THR A 60 -42.63 -4.41 1.82
CA THR A 60 -41.59 -5.37 2.11
C THR A 60 -40.22 -4.66 2.10
N ASP A 61 -39.51 -4.72 3.23
CA ASP A 61 -38.26 -3.99 3.41
C ASP A 61 -37.14 -4.79 2.75
N LEU A 62 -36.26 -4.11 2.01
CA LEU A 62 -35.20 -4.79 1.26
C LEU A 62 -33.83 -4.25 1.61
N ARG A 63 -33.77 -3.43 2.66
CA ARG A 63 -32.53 -2.81 3.09
C ARG A 63 -31.55 -3.86 3.60
N GLN A 64 -32.07 -4.97 4.13
CA GLN A 64 -31.25 -6.08 4.59
C GLN A 64 -31.61 -7.38 3.88
N ALA A 65 -32.13 -7.29 2.66
CA ALA A 65 -32.45 -8.48 1.92
C ALA A 65 -31.20 -9.05 1.22
N THR A 66 -31.14 -10.37 1.14
CA THR A 66 -30.19 -11.01 0.26
C THR A 66 -30.67 -10.76 -1.16
N HIS A 67 -29.77 -10.99 -2.10
CA HIS A 67 -30.10 -10.83 -3.49
C HIS A 67 -31.35 -11.64 -3.85
N ASP A 68 -31.34 -12.93 -3.56
CA ASP A 68 -32.45 -13.82 -3.94
C ASP A 68 -33.78 -13.45 -3.30
N GLN A 69 -33.73 -12.93 -2.08
CA GLN A 69 -34.86 -12.43 -1.32
C GLN A 69 -35.45 -11.16 -1.96
N ALA A 70 -34.59 -10.25 -2.41
CA ALA A 70 -35.02 -9.10 -3.17
C ALA A 70 -35.68 -9.52 -4.46
N VAL A 71 -35.06 -10.42 -5.19
CA VAL A 71 -35.61 -10.84 -6.48
C VAL A 71 -37.04 -11.41 -6.25
N GLN A 72 -37.19 -12.27 -5.22
CA GLN A 72 -38.50 -12.89 -4.92
C GLN A 72 -39.57 -11.93 -4.52
N ALA A 73 -39.16 -10.93 -3.75
CA ALA A 73 -40.04 -9.95 -3.20
C ALA A 73 -40.63 -9.05 -4.31
N LEU A 74 -39.78 -8.68 -5.24
CA LEU A 74 -40.16 -7.83 -6.33
C LEU A 74 -41.01 -8.65 -7.33
N LYS A 75 -40.65 -9.90 -7.54
CA LYS A 75 -41.39 -10.74 -8.45
C LYS A 75 -42.77 -11.06 -7.94
N ARG A 76 -42.95 -11.04 -6.61
CA ARG A 76 -44.22 -11.44 -6.04
C ARG A 76 -45.02 -10.29 -5.45
N ALA A 77 -44.60 -9.07 -5.72
CA ALA A 77 -45.21 -7.91 -5.11
C ALA A 77 -46.56 -7.57 -5.78
N GLY A 78 -46.88 -8.25 -6.89
CA GLY A 78 -48.11 -8.00 -7.62
C GLY A 78 -47.85 -7.25 -8.91
N LYS A 79 -48.93 -6.80 -9.52
CA LYS A 79 -48.84 -6.13 -10.79
C LYS A 79 -48.53 -4.66 -10.66
N GLU A 80 -48.93 -4.01 -9.57
CA GLU A 80 -48.50 -2.66 -9.34
C GLU A 80 -47.64 -2.62 -8.08
N VAL A 81 -46.49 -1.95 -8.18
CA VAL A 81 -45.58 -1.81 -7.08
C VAL A 81 -45.31 -0.38 -6.72
N LEU A 82 -45.29 -0.11 -5.42
CA LEU A 82 -44.75 1.11 -4.92
C LEU A 82 -43.36 0.77 -4.39
N LEU A 83 -42.35 1.37 -5.03
CA LEU A 83 -40.94 1.19 -4.65
C LEU A 83 -40.49 2.37 -3.87
N GLU A 84 -39.86 2.12 -2.73
CA GLU A 84 -39.16 3.21 -2.07
C GLU A 84 -37.69 3.15 -2.54
N VAL A 85 -37.18 4.23 -3.11
CA VAL A 85 -35.83 4.25 -3.72
C VAL A 85 -35.07 5.49 -3.23
N LYS A 86 -33.74 5.37 -3.22
CA LYS A 86 -32.84 6.43 -2.86
C LYS A 86 -31.65 6.35 -3.79
N PHE A 87 -31.33 7.46 -4.43
CA PHE A 87 -30.23 7.43 -5.38
C PHE A 87 -28.93 7.36 -4.56
N ILE A 88 -27.99 6.57 -5.04
CA ILE A 88 -26.64 6.49 -4.43
C ILE A 88 -25.66 7.28 -5.30
N ARG A 89 -25.14 8.37 -4.76
CA ARG A 89 -24.13 9.15 -5.46
C ARG A 89 -22.83 8.38 -5.27
N GLU A 90 -22.35 7.78 -6.33
CA GLU A 90 -21.05 7.13 -6.26
C GLU A 90 -19.94 8.15 -6.51
N VAL A 91 -19.02 8.17 -5.57
CA VAL A 91 -17.81 8.91 -5.68
C VAL A 91 -16.71 7.85 -5.83
N ASN A 92 -15.83 8.06 -6.79
CA ASN A 92 -14.69 7.22 -6.96
C ASN A 92 -13.54 8.15 -6.68
N THR A 93 -12.70 7.81 -5.71
CA THR A 93 -11.54 8.60 -5.38
C THR A 93 -10.31 7.80 -5.69
N VAL A 94 -9.42 8.41 -6.47
CA VAL A 94 -8.09 7.84 -6.70
C VAL A 94 -7.23 7.95 -5.44
N VAL A 95 -6.68 6.81 -5.04
CA VAL A 95 -5.81 6.70 -3.87
C VAL A 95 -4.55 5.83 -4.19
N SER B 1 -19.09 -13.35 1.30
CA SER B 1 -19.23 -14.66 0.59
C SER B 1 -17.88 -15.30 0.17
N MET B 2 -16.78 -14.58 0.40
CA MET B 2 -15.45 -15.05 0.03
C MET B 2 -14.48 -14.87 1.19
N PRO B 3 -13.38 -15.64 1.22
CA PRO B 3 -12.47 -15.50 2.36
C PRO B 3 -11.64 -14.22 2.26
N VAL B 4 -11.36 -13.62 3.41
CA VAL B 4 -10.51 -12.47 3.54
C VAL B 4 -9.08 -12.81 3.20
N ARG B 5 -8.43 -11.91 2.46
CA ARG B 5 -7.06 -12.13 1.98
C ARG B 5 -6.20 -11.01 2.49
N ARG B 6 -4.93 -11.29 2.78
CA ARG B 6 -3.96 -10.27 3.13
C ARG B 6 -3.15 -9.94 1.89
N VAL B 7 -2.99 -8.65 1.62
CA VAL B 7 -2.29 -8.20 0.44
C VAL B 7 -1.41 -7.03 0.86
N ARG B 8 -0.12 -7.14 0.53
CA ARG B 8 0.79 -6.05 0.77
C ARG B 8 1.04 -5.32 -0.54
N VAL B 9 1.07 -4.00 -0.43
CA VAL B 9 1.34 -3.14 -1.56
C VAL B 9 2.42 -2.18 -1.08
N VAL B 10 3.49 -2.04 -1.87
CA VAL B 10 4.49 -1.01 -1.62
C VAL B 10 4.19 0.12 -2.57
N LYS B 11 3.82 1.29 -2.05
CA LYS B 11 3.54 2.42 -2.91
C LYS B 11 4.80 2.86 -3.64
N GLN B 12 4.62 3.41 -4.84
CA GLN B 12 5.71 4.12 -5.50
C GLN B 12 5.89 5.46 -4.81
N GLU B 13 6.89 6.23 -5.22
CA GLU B 13 7.21 7.49 -4.55
C GLU B 13 6.20 8.59 -4.90
N ALA B 14 5.38 8.36 -5.93
CA ALA B 14 4.10 9.10 -6.10
C ALA B 14 3.01 8.17 -6.67
N GLY B 15 1.81 8.71 -6.86
CA GLY B 15 0.71 7.94 -7.44
C GLY B 15 0.01 6.97 -6.51
N GLY B 16 0.42 6.94 -5.24
CA GLY B 16 -0.28 6.19 -4.18
C GLY B 16 -0.41 4.70 -4.42
N LEU B 17 -1.56 4.14 -4.09
CA LEU B 17 -1.80 2.72 -4.31
C LEU B 17 -2.10 2.41 -5.76
N GLY B 18 -2.50 3.41 -6.54
CA GLY B 18 -2.84 3.19 -7.96
C GLY B 18 -4.17 2.48 -8.13
N ILE B 19 -5.10 2.77 -7.23
CA ILE B 19 -6.48 2.29 -7.39
C ILE B 19 -7.43 3.42 -7.22
N SER B 20 -8.67 3.22 -7.66
CA SER B 20 -9.81 4.07 -7.24
C SER B 20 -10.72 3.27 -6.30
N ILE B 21 -11.22 3.89 -5.25
CA ILE B 21 -12.26 3.28 -4.43
C ILE B 21 -13.60 4.00 -4.54
N LYS B 22 -14.66 3.23 -4.34
CA LYS B 22 -16.01 3.75 -4.17
C LYS B 22 -16.64 3.15 -2.92
N GLY B 23 -17.79 3.67 -2.52
CA GLY B 23 -18.54 3.10 -1.39
C GLY B 23 -18.40 3.85 -0.08
N GLY B 24 -18.64 3.16 1.02
CA GLY B 24 -18.58 3.75 2.35
C GLY B 24 -19.89 3.67 3.07
N ARG B 25 -19.82 3.76 4.39
CA ARG B 25 -20.96 3.63 5.28
C ARG B 25 -22.14 4.52 4.90
N GLU B 26 -21.86 5.74 4.46
CA GLU B 26 -22.96 6.65 4.05
C GLU B 26 -23.81 6.06 2.92
N ASN B 27 -23.20 5.27 2.04
CA ASN B 27 -23.96 4.59 0.98
C ASN B 27 -24.40 3.16 1.37
N ARG B 28 -24.26 2.80 2.64
CA ARG B 28 -24.47 1.43 3.10
C ARG B 28 -23.74 0.43 2.21
N MET B 29 -22.47 0.74 1.93
CA MET B 29 -21.69 -0.07 1.05
C MET B 29 -20.32 -0.24 1.65
N PRO B 30 -19.63 -1.33 1.30
CA PRO B 30 -18.25 -1.44 1.68
C PRO B 30 -17.40 -0.47 0.88
N ILE B 31 -16.17 -0.32 1.32
CA ILE B 31 -15.20 0.37 0.55
C ILE B 31 -14.78 -0.64 -0.51
N LEU B 32 -15.07 -0.33 -1.77
CA LEU B 32 -14.80 -1.22 -2.92
C LEU B 32 -13.74 -0.68 -3.88
N ILE B 33 -12.92 -1.56 -4.46
CA ILE B 33 -12.00 -1.15 -5.50
C ILE B 33 -12.77 -1.01 -6.81
N SER B 34 -12.77 0.20 -7.37
CA SER B 34 -13.51 0.50 -8.58
C SER B 34 -12.64 0.65 -9.85
N LYS B 35 -11.32 0.72 -9.67
CA LYS B 35 -10.40 0.77 -10.76
C LYS B 35 -9.01 0.37 -10.24
N ILE B 36 -8.32 -0.46 -10.98
CA ILE B 36 -6.89 -0.73 -10.73
C ILE B 36 -6.15 -0.12 -11.89
N PHE B 37 -5.31 0.88 -11.64
CA PHE B 37 -4.60 1.57 -12.72
C PHE B 37 -3.48 0.71 -13.26
N PRO B 38 -3.46 0.48 -14.58
CA PRO B 38 -2.51 -0.52 -15.01
C PRO B 38 -1.05 -0.10 -14.82
N GLY B 39 -0.25 -1.04 -14.34
CA GLY B 39 1.16 -0.82 -14.13
C GLY B 39 1.51 -0.20 -12.81
N LEU B 40 0.51 0.26 -12.05
CA LEU B 40 0.83 0.90 -10.77
C LEU B 40 0.87 -0.11 -9.64
N ALA B 41 1.05 0.36 -8.39
CA ALA B 41 1.44 -0.54 -7.29
C ALA B 41 0.46 -1.67 -6.99
N ALA B 42 -0.84 -1.37 -6.93
CA ALA B 42 -1.84 -2.41 -6.74
C ALA B 42 -1.79 -3.47 -7.84
N ASP B 43 -1.64 -3.01 -9.08
CA ASP B 43 -1.59 -3.88 -10.22
C ASP B 43 -0.39 -4.81 -10.11
N GLN B 44 0.75 -4.27 -9.76
CA GLN B 44 1.99 -5.04 -9.56
C GLN B 44 1.87 -6.13 -8.50
N SER B 45 1.02 -5.95 -7.49
CA SER B 45 0.74 -7.00 -6.52
C SER B 45 0.20 -8.29 -7.17
N ARG B 46 -0.55 -8.15 -8.26
CA ARG B 46 -1.26 -9.24 -8.94
C ARG B 46 -2.24 -9.93 -8.01
N ALA B 47 -2.60 -9.28 -6.91
CA ALA B 47 -3.33 -9.91 -5.84
C ALA B 47 -4.67 -9.22 -5.59
N LEU B 48 -4.95 -8.14 -6.33
CA LEU B 48 -6.15 -7.31 -6.11
C LEU B 48 -7.02 -7.39 -7.36
N ARG B 49 -8.34 -7.24 -7.17
CA ARG B 49 -9.28 -7.31 -8.30
C ARG B 49 -10.31 -6.22 -8.16
N LEU B 50 -10.90 -5.85 -9.28
CA LEU B 50 -12.04 -4.92 -9.24
C LEU B 50 -13.15 -5.62 -8.53
N GLY B 51 -13.74 -4.92 -7.56
CA GLY B 51 -14.84 -5.44 -6.78
C GLY B 51 -14.44 -5.98 -5.43
N ASP B 52 -13.14 -6.04 -5.15
CA ASP B 52 -12.67 -6.33 -3.81
C ASP B 52 -13.13 -5.23 -2.89
N ALA B 53 -13.58 -5.66 -1.71
CA ALA B 53 -13.83 -4.78 -0.56
C ALA B 53 -12.57 -4.70 0.28
N ILE B 54 -12.19 -3.50 0.65
CA ILE B 54 -11.03 -3.27 1.49
C ILE B 54 -11.61 -3.23 2.89
N LEU B 55 -11.23 -4.24 3.68
CA LEU B 55 -11.74 -4.42 5.03
C LEU B 55 -10.90 -3.70 6.06
N SER B 56 -9.58 -3.67 5.84
CA SER B 56 -8.66 -2.95 6.73
C SER B 56 -7.38 -2.49 6.04
N VAL B 57 -6.75 -1.46 6.62
CA VAL B 57 -5.46 -0.95 6.13
C VAL B 57 -4.52 -0.74 7.31
N ASN B 58 -3.39 -1.45 7.32
CA ASN B 58 -2.38 -1.31 8.39
C ASN B 58 -3.00 -1.31 9.79
N GLY B 59 -3.93 -2.25 10.01
CA GLY B 59 -4.59 -2.38 11.30
C GLY B 59 -5.84 -1.52 11.48
N THR B 60 -6.00 -0.45 10.69
CA THR B 60 -7.17 0.42 10.83
C THR B 60 -8.35 -0.20 10.07
N ASP B 61 -9.33 -0.68 10.83
CA ASP B 61 -10.51 -1.35 10.28
C ASP B 61 -11.35 -0.36 9.49
N LEU B 62 -11.79 -0.77 8.30
CA LEU B 62 -12.59 0.08 7.40
C LEU B 62 -14.00 -0.45 7.11
N ARG B 63 -14.43 -1.48 7.84
CA ARG B 63 -15.78 -2.06 7.65
C ARG B 63 -16.94 -1.09 7.88
N GLN B 64 -16.77 -0.10 8.77
CA GLN B 64 -17.81 0.92 8.96
C GLN B 64 -17.30 2.33 8.62
N ALA B 65 -16.19 2.41 7.87
CA ALA B 65 -15.62 3.69 7.44
C ALA B 65 -16.52 4.40 6.43
N THR B 66 -16.66 5.71 6.58
CA THR B 66 -17.23 6.53 5.51
C THR B 66 -16.20 6.56 4.40
N HIS B 67 -16.57 7.14 3.27
CA HIS B 67 -15.70 7.18 2.13
C HIS B 67 -14.44 7.99 2.48
N ASP B 68 -14.66 9.17 3.03
CA ASP B 68 -13.59 10.05 3.50
C ASP B 68 -12.64 9.38 4.49
N GLN B 69 -13.20 8.68 5.48
CA GLN B 69 -12.36 7.96 6.46
C GLN B 69 -11.44 6.96 5.79
N ALA B 70 -11.97 6.26 4.81
CA ALA B 70 -11.20 5.31 4.04
C ALA B 70 -10.14 6.02 3.18
N VAL B 71 -10.54 7.07 2.46
CA VAL B 71 -9.61 7.84 1.66
C VAL B 71 -8.39 8.32 2.49
N GLN B 72 -8.68 8.91 3.64
CA GLN B 72 -7.62 9.39 4.53
C GLN B 72 -6.79 8.25 5.12
N ALA B 73 -7.45 7.17 5.51
CA ALA B 73 -6.75 6.00 6.03
C ALA B 73 -5.75 5.49 5.01
N LEU B 74 -6.19 5.38 3.76
CA LEU B 74 -5.36 4.84 2.72
C LEU B 74 -4.24 5.81 2.37
N LYS B 75 -4.56 7.10 2.25
CA LYS B 75 -3.55 8.12 1.88
C LYS B 75 -2.51 8.35 2.97
N ARG B 76 -2.84 8.05 4.22
CA ARG B 76 -1.92 8.24 5.33
C ARG B 76 -1.22 6.95 5.78
N ALA B 77 -1.28 5.89 4.97
CA ALA B 77 -0.72 4.60 5.37
C ALA B 77 0.81 4.48 5.15
N GLY B 78 1.39 5.37 4.34
CA GLY B 78 2.83 5.29 4.08
C GLY B 78 3.15 4.20 3.06
N LYS B 79 4.43 4.05 2.72
CA LYS B 79 4.81 3.27 1.53
C LYS B 79 4.39 1.79 1.53
N GLU B 80 4.51 1.12 2.68
CA GLU B 80 4.16 -0.28 2.75
C GLU B 80 2.77 -0.38 3.34
N VAL B 81 1.85 -0.96 2.56
CA VAL B 81 0.45 -1.05 2.96
C VAL B 81 0.02 -2.51 3.03
N LEU B 82 -0.42 -2.94 4.21
CA LEU B 82 -1.05 -4.24 4.36
C LEU B 82 -2.55 -4.08 4.29
N LEU B 83 -3.17 -4.78 3.34
CA LEU B 83 -4.62 -4.70 3.16
C LEU B 83 -5.27 -6.03 3.44
N GLU B 84 -6.43 -5.99 4.10
CA GLU B 84 -7.32 -7.12 4.17
C GLU B 84 -8.45 -6.87 3.19
N VAL B 85 -8.60 -7.77 2.23
CA VAL B 85 -9.56 -7.63 1.16
C VAL B 85 -10.44 -8.88 1.09
N LYS B 86 -11.67 -8.71 0.60
CA LYS B 86 -12.65 -9.77 0.38
C LYS B 86 -13.26 -9.50 -0.98
N PHE B 87 -13.23 -10.47 -1.89
CA PHE B 87 -13.84 -10.25 -3.20
C PHE B 87 -15.38 -10.31 -3.09
N ILE B 88 -16.06 -9.32 -3.66
CA ILE B 88 -17.52 -9.31 -3.70
C ILE B 88 -17.94 -9.58 -5.14
N ARG B 89 -18.53 -10.74 -5.40
CA ARG B 89 -19.01 -11.01 -6.75
C ARG B 89 -20.33 -10.26 -6.97
N GLU B 90 -20.44 -9.60 -8.12
CA GLU B 90 -21.66 -8.87 -8.49
C GLU B 90 -22.49 -9.78 -9.37
N VAL B 91 -23.74 -9.97 -8.97
CA VAL B 91 -24.70 -10.77 -9.70
C VAL B 91 -25.79 -9.77 -10.10
N ASN B 92 -26.18 -9.76 -11.37
CA ASN B 92 -27.31 -8.98 -11.86
C ASN B 92 -28.39 -9.93 -12.21
N THR B 93 -29.60 -9.63 -11.78
CA THR B 93 -30.76 -10.46 -12.13
C THR B 93 -31.82 -9.52 -12.69
N VAL B 94 -32.36 -9.90 -13.83
CA VAL B 94 -33.49 -9.21 -14.46
C VAL B 94 -34.75 -9.52 -13.66
N VAL B 95 -35.47 -8.47 -13.24
CA VAL B 95 -36.76 -8.62 -12.60
C VAL B 95 -37.81 -7.71 -13.30
N SER C 1 36.60 3.40 4.17
CA SER C 1 37.90 3.23 4.90
C SER C 1 38.03 4.16 6.12
N MET C 2 36.90 4.64 6.65
CA MET C 2 36.92 5.68 7.68
C MET C 2 37.47 5.19 9.02
N PRO C 3 38.17 6.06 9.76
CA PRO C 3 38.78 5.66 11.02
C PRO C 3 37.75 5.38 12.10
N VAL C 4 38.03 4.37 12.91
CA VAL C 4 37.20 4.09 14.08
C VAL C 4 37.35 5.19 15.13
N ARG C 5 36.24 5.54 15.75
CA ARG C 5 36.21 6.44 16.90
C ARG C 5 35.51 5.71 18.08
N ARG C 6 36.07 5.85 19.27
CA ARG C 6 35.42 5.33 20.47
C ARG C 6 34.85 6.50 21.24
N VAL C 7 33.53 6.51 21.37
CA VAL C 7 32.81 7.65 21.87
C VAL C 7 32.07 7.33 23.16
N ARG C 8 32.26 8.14 24.19
CA ARG C 8 31.49 8.01 25.40
C ARG C 8 30.20 8.79 25.32
N VAL C 9 29.10 8.14 25.70
CA VAL C 9 27.82 8.79 25.91
C VAL C 9 27.26 8.35 27.25
N VAL C 10 26.74 9.30 28.02
CA VAL C 10 26.05 8.99 29.25
C VAL C 10 24.60 9.31 29.01
N LYS C 11 23.74 8.30 29.18
CA LYS C 11 22.30 8.44 28.94
C LYS C 11 21.69 9.39 29.96
N GLN C 12 20.51 9.92 29.61
CA GLN C 12 19.75 10.77 30.49
C GLN C 12 18.40 10.12 30.82
N GLU C 13 17.78 10.57 31.91
CA GLU C 13 16.41 10.21 32.24
C GLU C 13 15.49 10.46 31.03
N ALA C 14 15.70 11.59 30.38
CA ALA C 14 14.98 11.92 29.14
C ALA C 14 15.83 11.59 27.90
N GLY C 15 15.42 10.54 27.19
CA GLY C 15 15.92 10.25 25.86
C GLY C 15 16.74 8.99 25.68
N GLY C 16 17.25 8.44 26.78
CA GLY C 16 18.25 7.38 26.71
C GLY C 16 19.48 7.94 26.02
N LEU C 17 19.91 7.31 24.92
CA LEU C 17 21.05 7.79 24.14
C LEU C 17 20.73 9.02 23.29
N GLY C 18 19.45 9.30 23.06
CA GLY C 18 19.04 10.43 22.24
C GLY C 18 19.32 10.25 20.74
N ILE C 19 19.21 9.01 20.27
CA ILE C 19 19.40 8.69 18.85
C ILE C 19 18.34 7.71 18.33
N SER C 20 18.25 7.62 16.99
CA SER C 20 17.52 6.57 16.30
C SER C 20 18.52 5.77 15.51
N ILE C 21 18.27 4.47 15.43
CA ILE C 21 19.10 3.60 14.62
C ILE C 21 18.24 2.93 13.56
N LYS C 22 18.91 2.48 12.50
CA LYS C 22 18.30 1.70 11.44
C LYS C 22 19.37 0.74 11.02
N GLY C 23 19.01 -0.19 10.13
CA GLY C 23 19.94 -1.20 9.66
C GLY C 23 19.81 -2.49 10.45
N GLY C 24 20.78 -3.38 10.27
CA GLY C 24 20.77 -4.68 10.93
C GLY C 24 21.01 -5.74 9.89
N ARG C 25 21.54 -6.87 10.36
CA ARG C 25 22.04 -7.91 9.45
C ARG C 25 20.93 -8.64 8.69
N GLU C 26 19.69 -8.50 9.14
CA GLU C 26 18.59 -9.13 8.40
C GLU C 26 18.42 -8.45 7.05
N ASN C 27 19.01 -7.27 6.88
CA ASN C 27 19.02 -6.54 5.61
C ASN C 27 20.44 -6.38 5.03
N ARG C 28 21.38 -7.15 5.58
CA ARG C 28 22.80 -7.06 5.21
C ARG C 28 23.36 -5.64 5.37
N MET C 29 22.84 -4.91 6.36
CA MET C 29 23.28 -3.55 6.64
C MET C 29 23.85 -3.42 8.05
N PRO C 30 24.77 -2.45 8.26
CA PRO C 30 25.18 -2.14 9.61
C PRO C 30 24.12 -1.40 10.38
N ILE C 31 24.35 -1.28 11.69
CA ILE C 31 23.58 -0.40 12.54
C ILE C 31 24.10 1.00 12.29
N LEU C 32 23.21 1.90 11.92
CA LEU C 32 23.56 3.24 11.47
C LEU C 32 22.75 4.20 12.27
N ILE C 33 23.38 5.29 12.71
CA ILE C 33 22.65 6.34 13.38
C ILE C 33 21.87 7.08 12.33
N SER C 34 20.55 7.15 12.53
CA SER C 34 19.63 7.71 11.56
C SER C 34 19.10 9.05 12.04
N LYS C 35 19.17 9.28 13.36
CA LYS C 35 18.83 10.58 13.91
C LYS C 35 19.59 10.83 15.20
N ILE C 36 20.02 12.08 15.37
CA ILE C 36 20.56 12.57 16.64
C ILE C 36 19.65 13.69 17.10
N PHE C 37 18.98 13.48 18.24
CA PHE C 37 17.96 14.40 18.72
C PHE C 37 18.58 15.63 19.36
N PRO C 38 18.15 16.82 18.93
CA PRO C 38 18.78 18.05 19.44
C PRO C 38 18.68 18.17 20.96
N GLY C 39 19.81 18.45 21.60
CA GLY C 39 19.85 18.70 23.03
C GLY C 39 19.92 17.47 23.93
N LEU C 40 19.74 16.28 23.37
CA LEU C 40 19.71 15.05 24.16
C LEU C 40 21.12 14.44 24.27
N ALA C 41 21.20 13.25 24.86
CA ALA C 41 22.48 12.70 25.34
C ALA C 41 23.57 12.65 24.28
N ALA C 42 23.28 12.04 23.12
CA ALA C 42 24.28 11.88 22.07
C ALA C 42 24.69 13.23 21.49
N ASP C 43 23.70 14.11 21.33
CA ASP C 43 23.96 15.46 20.85
C ASP C 43 24.92 16.20 21.78
N GLN C 44 24.68 16.07 23.09
CA GLN C 44 25.54 16.70 24.08
C GLN C 44 26.95 16.12 24.14
N SER C 45 27.10 14.86 23.70
CA SER C 45 28.42 14.28 23.54
C SER C 45 29.23 15.06 22.50
N ARG C 46 28.54 15.69 21.55
CA ARG C 46 29.19 16.46 20.46
C ARG C 46 30.05 15.60 19.54
N ALA C 47 30.02 14.28 19.75
CA ALA C 47 31.03 13.40 19.18
C ALA C 47 30.51 12.41 18.12
N LEU C 48 29.19 12.36 17.90
CA LEU C 48 28.57 11.41 16.96
C LEU C 48 27.98 12.16 15.77
N ARG C 49 27.86 11.47 14.62
CA ARG C 49 27.30 12.01 13.39
C ARG C 49 26.15 11.16 12.84
N LEU C 50 25.22 11.83 12.17
CA LEU C 50 24.23 11.12 11.33
C LEU C 50 24.99 10.29 10.33
N GLY C 51 24.67 9.00 10.23
CA GLY C 51 25.35 8.14 9.27
C GLY C 51 26.58 7.44 9.79
N ASP C 52 26.91 7.66 11.06
CA ASP C 52 27.86 6.79 11.76
C ASP C 52 27.32 5.38 11.87
N ALA C 53 28.18 4.40 11.61
CA ALA C 53 27.85 3.02 11.86
C ALA C 53 28.26 2.69 13.29
N ILE C 54 27.38 2.04 14.07
CA ILE C 54 27.74 1.58 15.44
C ILE C 54 28.25 0.14 15.36
N LEU C 55 29.55 -0.03 15.57
CA LEU C 55 30.23 -1.31 15.45
C LEU C 55 30.12 -2.14 16.74
N SER C 56 30.10 -1.45 17.89
CA SER C 56 29.97 -2.13 19.19
C SER C 56 29.52 -1.19 20.29
N VAL C 57 28.99 -1.75 21.37
CA VAL C 57 28.61 -0.99 22.55
C VAL C 57 28.96 -1.71 23.84
N ASN C 58 29.83 -1.12 24.66
CA ASN C 58 30.23 -1.74 25.94
C ASN C 58 30.68 -3.19 25.74
N GLY C 59 31.50 -3.42 24.71
CA GLY C 59 32.05 -4.74 24.42
C GLY C 59 31.14 -5.67 23.62
N THR C 60 29.88 -5.29 23.43
CA THR C 60 28.94 -6.08 22.64
C THR C 60 29.07 -5.69 21.18
N ASP C 61 29.33 -6.69 20.35
CA ASP C 61 29.65 -6.47 18.97
C ASP C 61 28.34 -6.37 18.19
N LEU C 62 28.22 -5.32 17.37
CA LEU C 62 26.97 -5.04 16.66
C LEU C 62 27.12 -5.19 15.17
N ARG C 63 28.28 -5.69 14.74
CA ARG C 63 28.61 -5.82 13.33
C ARG C 63 27.73 -6.83 12.60
N GLN C 64 27.24 -7.84 13.31
CA GLN C 64 26.33 -8.82 12.74
C GLN C 64 25.03 -8.89 13.55
N ALA C 65 24.69 -7.81 14.25
CA ALA C 65 23.43 -7.78 15.02
C ALA C 65 22.23 -7.51 14.11
N THR C 66 21.08 -8.03 14.52
CA THR C 66 19.80 -7.65 13.93
C THR C 66 19.38 -6.33 14.52
N HIS C 67 18.39 -5.72 13.89
CA HIS C 67 17.86 -4.46 14.38
C HIS C 67 17.45 -4.56 15.86
N ASP C 68 16.59 -5.54 16.17
CA ASP C 68 16.11 -5.73 17.54
C ASP C 68 17.22 -6.08 18.54
N GLN C 69 18.21 -6.85 18.11
CA GLN C 69 19.35 -7.16 18.98
C GLN C 69 20.15 -5.90 19.30
N ALA C 70 20.40 -5.09 18.28
CA ALA C 70 21.08 -3.82 18.45
C ALA C 70 20.28 -2.90 19.38
N VAL C 71 18.96 -2.89 19.20
CA VAL C 71 18.08 -2.06 20.02
C VAL C 71 18.19 -2.44 21.49
N GLN C 72 18.12 -3.75 21.74
CA GLN C 72 18.23 -4.30 23.08
C GLN C 72 19.63 -4.08 23.68
N ALA C 73 20.68 -4.35 22.92
CA ALA C 73 22.06 -4.18 23.40
C ALA C 73 22.32 -2.74 23.86
N LEU C 74 21.87 -1.78 23.07
CA LEU C 74 22.02 -0.36 23.37
C LEU C 74 21.12 0.06 24.52
N LYS C 75 19.87 -0.41 24.51
CA LYS C 75 18.96 -0.12 25.62
C LYS C 75 19.41 -0.70 26.97
N ARG C 76 20.19 -1.77 26.93
CA ARG C 76 20.60 -2.45 28.17
C ARG C 76 22.08 -2.31 28.51
N ALA C 77 22.75 -1.41 27.80
CA ALA C 77 24.18 -1.22 27.91
C ALA C 77 24.59 -0.58 29.26
N GLY C 78 23.63 -0.05 30.01
CA GLY C 78 23.92 0.70 31.24
C GLY C 78 23.74 2.18 31.01
N LYS C 79 23.93 2.97 32.07
CA LYS C 79 23.76 4.43 31.99
C LYS C 79 24.87 5.11 31.17
N GLU C 80 26.07 4.51 31.13
CA GLU C 80 27.16 5.05 30.34
C GLU C 80 27.60 4.03 29.33
N VAL C 81 27.68 4.43 28.07
CA VAL C 81 28.05 3.52 26.99
C VAL C 81 29.30 4.03 26.31
N LEU C 82 30.16 3.11 25.93
CA LEU C 82 31.29 3.38 25.07
C LEU C 82 30.89 2.75 23.76
N LEU C 83 30.74 3.60 22.73
CA LEU C 83 30.38 3.18 21.41
C LEU C 83 31.59 3.16 20.51
N GLU C 84 31.74 2.10 19.72
CA GLU C 84 32.71 2.09 18.67
C GLU C 84 31.93 2.43 17.38
N VAL C 85 32.32 3.52 16.73
CA VAL C 85 31.63 4.03 15.53
C VAL C 85 32.58 4.33 14.37
N LYS C 86 32.04 4.24 13.16
CA LYS C 86 32.81 4.44 11.93
C LYS C 86 31.86 5.18 11.01
N PHE C 87 32.30 6.34 10.51
CA PHE C 87 31.49 7.11 9.59
C PHE C 87 31.44 6.38 8.24
N ILE C 88 30.26 6.35 7.66
CA ILE C 88 30.09 5.79 6.31
C ILE C 88 29.81 6.94 5.35
N ARG C 89 30.76 7.17 4.45
CA ARG C 89 30.59 8.16 3.38
C ARG C 89 29.56 7.64 2.37
N GLU C 90 28.44 8.35 2.24
CA GLU C 90 27.46 8.08 1.20
C GLU C 90 27.96 8.62 -0.15
N VAL C 91 28.04 7.71 -1.12
CA VAL C 91 28.38 8.05 -2.49
C VAL C 91 27.25 7.51 -3.34
N ASN C 92 26.55 8.41 -4.00
CA ASN C 92 25.53 8.03 -4.96
C ASN C 92 26.11 8.19 -6.32
N THR C 93 25.98 7.17 -7.17
CA THR C 93 26.32 7.35 -8.57
C THR C 93 25.16 7.07 -9.51
N VAL C 94 25.02 7.93 -10.51
CA VAL C 94 23.99 7.81 -11.52
C VAL C 94 24.33 6.72 -12.52
N VAL C 95 23.42 5.75 -12.66
CA VAL C 95 23.50 4.67 -13.66
C VAL C 95 22.16 4.53 -14.45
N SER D 1 11.21 -11.49 5.85
CA SER D 1 11.65 -10.23 5.20
C SER D 1 10.68 -9.91 4.06
N MET D 2 11.19 -9.25 3.02
CA MET D 2 10.47 -9.13 1.77
C MET D 2 11.03 -10.18 0.80
N PRO D 3 10.23 -10.55 -0.23
CA PRO D 3 10.71 -11.50 -1.22
C PRO D 3 11.63 -10.84 -2.25
N VAL D 4 12.52 -11.64 -2.84
CA VAL D 4 13.32 -11.18 -3.95
C VAL D 4 12.40 -11.04 -5.17
N ARG D 5 12.59 -9.98 -5.97
CA ARG D 5 11.81 -9.73 -7.21
C ARG D 5 12.72 -9.64 -8.40
N ARG D 6 12.25 -10.11 -9.56
CA ARG D 6 12.96 -9.92 -10.81
C ARG D 6 12.25 -8.78 -11.53
N VAL D 7 13.01 -7.78 -11.95
CA VAL D 7 12.44 -6.62 -12.64
C VAL D 7 13.16 -6.42 -13.94
N ARG D 8 12.41 -6.21 -15.03
CA ARG D 8 12.99 -5.86 -16.30
C ARG D 8 12.93 -4.36 -16.52
N VAL D 9 14.07 -3.83 -16.92
CA VAL D 9 14.19 -2.40 -17.25
C VAL D 9 14.82 -2.30 -18.62
N VAL D 10 14.23 -1.47 -19.47
CA VAL D 10 14.78 -1.19 -20.79
C VAL D 10 15.51 0.15 -20.73
N LYS D 11 16.84 0.14 -20.82
CA LYS D 11 17.62 1.38 -20.80
C LYS D 11 17.28 2.30 -21.97
N GLN D 12 17.34 3.61 -21.74
CA GLN D 12 16.91 4.57 -22.77
C GLN D 12 18.04 5.10 -23.64
N GLU D 13 19.23 5.22 -23.05
CA GLU D 13 20.38 5.97 -23.62
C GLU D 13 20.37 7.36 -22.99
N ALA D 14 19.19 8.01 -23.05
CA ALA D 14 18.89 9.16 -22.21
C ALA D 14 18.74 8.71 -20.77
N GLY D 15 19.85 8.72 -20.03
CA GLY D 15 19.84 8.39 -18.59
C GLY D 15 20.20 6.96 -18.19
N GLY D 16 20.32 6.06 -19.15
CA GLY D 16 20.62 4.65 -18.86
C GLY D 16 19.48 3.98 -18.10
N LEU D 17 19.76 3.46 -16.91
CA LEU D 17 18.72 2.90 -16.04
C LEU D 17 17.80 3.95 -15.46
N GLY D 18 18.29 5.17 -15.39
CA GLY D 18 17.49 6.23 -14.82
C GLY D 18 17.37 6.13 -13.33
N ILE D 19 18.44 5.63 -12.70
CA ILE D 19 18.54 5.63 -11.24
C ILE D 19 19.95 6.01 -10.73
N SER D 20 20.06 6.27 -9.43
CA SER D 20 21.36 6.31 -8.77
C SER D 20 21.38 5.26 -7.68
N ILE D 21 22.57 4.72 -7.48
CA ILE D 21 22.79 3.71 -6.47
C ILE D 21 23.76 4.27 -5.47
N LYS D 22 23.70 3.70 -4.27
CA LYS D 22 24.68 3.91 -3.21
C LYS D 22 24.92 2.57 -2.56
N GLY D 23 25.86 2.54 -1.62
CA GLY D 23 26.22 1.34 -0.88
C GLY D 23 27.40 0.60 -1.48
N GLY D 24 27.58 -0.65 -1.07
CA GLY D 24 28.66 -1.49 -1.57
C GLY D 24 29.43 -2.10 -0.42
N ARG D 25 30.20 -3.15 -0.71
CA ARG D 25 30.80 -3.94 0.39
C ARG D 25 31.90 -3.20 1.17
N GLU D 26 32.47 -2.15 0.58
CA GLU D 26 33.42 -1.30 1.30
C GLU D 26 32.75 -0.51 2.43
N ASN D 27 31.43 -0.47 2.45
CA ASN D 27 30.66 0.10 3.54
C ASN D 27 29.94 -0.98 4.32
N ARG D 28 30.10 -2.24 3.92
CA ARG D 28 29.32 -3.34 4.47
C ARG D 28 27.81 -3.11 4.23
N MET D 29 27.49 -2.57 3.06
CA MET D 29 26.11 -2.32 2.71
C MET D 29 25.77 -2.92 1.37
N PRO D 30 24.49 -3.25 1.16
CA PRO D 30 24.10 -3.64 -0.20
C PRO D 30 24.13 -2.45 -1.17
N ILE D 31 24.04 -2.78 -2.46
CA ILE D 31 23.81 -1.80 -3.50
C ILE D 31 22.34 -1.42 -3.37
N LEU D 32 22.09 -0.15 -3.08
CA LEU D 32 20.76 0.36 -2.77
C LEU D 32 20.40 1.42 -3.79
N ILE D 33 19.15 1.39 -4.27
CA ILE D 33 18.63 2.42 -5.16
C ILE D 33 18.37 3.64 -4.28
N SER D 34 19.03 4.75 -4.61
CA SER D 34 18.89 5.97 -3.83
C SER D 34 18.08 7.03 -4.58
N LYS D 35 17.94 6.88 -5.89
CA LYS D 35 17.05 7.76 -6.61
C LYS D 35 16.53 7.07 -7.84
N ILE D 36 15.27 7.37 -8.15
CA ILE D 36 14.65 6.97 -9.41
C ILE D 36 14.23 8.25 -10.16
N PHE D 37 14.94 8.58 -11.21
CA PHE D 37 14.69 9.82 -11.94
C PHE D 37 13.37 9.79 -12.71
N PRO D 38 12.46 10.74 -12.40
CA PRO D 38 11.15 10.81 -13.05
C PRO D 38 11.24 10.73 -14.57
N GLY D 39 10.37 9.94 -15.17
CA GLY D 39 10.29 9.85 -16.61
C GLY D 39 11.33 9.00 -17.31
N LEU D 40 12.38 8.59 -16.60
CA LEU D 40 13.44 7.81 -17.22
C LEU D 40 13.12 6.31 -17.10
N ALA D 41 14.03 5.45 -17.58
CA ALA D 41 13.78 3.99 -17.76
C ALA D 41 13.18 3.25 -16.54
N ALA D 42 13.79 3.42 -15.38
CA ALA D 42 13.33 2.70 -14.22
C ALA D 42 11.93 3.18 -13.85
N ASP D 43 11.72 4.49 -13.93
CA ASP D 43 10.43 5.08 -13.57
C ASP D 43 9.32 4.59 -14.51
N GLN D 44 9.65 4.52 -15.80
CA GLN D 44 8.71 3.99 -16.80
C GLN D 44 8.27 2.56 -16.48
N SER D 45 9.21 1.75 -16.00
CA SER D 45 8.91 0.36 -15.61
C SER D 45 7.87 0.31 -14.50
N ARG D 46 7.92 1.31 -13.62
CA ARG D 46 7.05 1.38 -12.44
C ARG D 46 7.41 0.34 -11.38
N ALA D 47 8.38 -0.51 -11.69
CA ALA D 47 8.61 -1.73 -10.93
C ALA D 47 9.63 -1.57 -9.82
N LEU D 48 10.38 -0.47 -9.80
CA LEU D 48 11.42 -0.28 -8.78
C LEU D 48 10.98 0.66 -7.70
N ARG D 49 11.63 0.57 -6.54
CA ARG D 49 11.33 1.39 -5.38
C ARG D 49 12.61 1.95 -4.76
N LEU D 50 12.54 3.16 -4.24
CA LEU D 50 13.60 3.69 -3.39
C LEU D 50 13.78 2.76 -2.19
N GLY D 51 15.01 2.33 -1.97
CA GLY D 51 15.28 1.41 -0.89
C GLY D 51 15.21 -0.05 -1.27
N ASP D 52 15.03 -0.34 -2.56
CA ASP D 52 15.32 -1.66 -3.08
C ASP D 52 16.81 -1.84 -3.03
N ALA D 53 17.22 -3.00 -2.55
CA ALA D 53 18.56 -3.51 -2.73
C ALA D 53 18.63 -4.20 -4.08
N ILE D 54 19.73 -3.99 -4.81
CA ILE D 54 19.96 -4.70 -6.07
C ILE D 54 20.89 -5.87 -5.80
N LEU D 55 20.40 -7.08 -6.04
CA LEU D 55 21.15 -8.30 -5.76
C LEU D 55 21.95 -8.78 -6.97
N SER D 56 21.49 -8.48 -8.17
CA SER D 56 22.17 -8.87 -9.42
C SER D 56 21.64 -8.13 -10.63
N VAL D 57 22.47 -8.01 -11.66
CA VAL D 57 22.05 -7.51 -12.97
C VAL D 57 22.42 -8.53 -14.05
N ASN D 58 21.44 -8.95 -14.84
CA ASN D 58 21.69 -9.90 -15.92
C ASN D 58 22.68 -11.01 -15.49
N GLY D 59 22.38 -11.66 -14.37
CA GLY D 59 23.18 -12.78 -13.87
C GLY D 59 24.50 -12.42 -13.20
N THR D 60 24.91 -11.16 -13.26
CA THR D 60 26.06 -10.70 -12.50
C THR D 60 25.63 -10.40 -11.07
N ASP D 61 26.12 -11.19 -10.11
CA ASP D 61 25.84 -11.00 -8.68
C ASP D 61 26.47 -9.72 -8.12
N LEU D 62 25.72 -9.01 -7.29
CA LEU D 62 26.15 -7.77 -6.67
C LEU D 62 25.97 -7.79 -5.15
N ARG D 63 25.64 -8.95 -4.58
CA ARG D 63 25.42 -9.05 -3.13
C ARG D 63 26.66 -8.70 -2.32
N GLN D 64 27.83 -8.97 -2.90
CA GLN D 64 29.10 -8.60 -2.27
C GLN D 64 29.95 -7.75 -3.22
N ALA D 65 29.30 -6.86 -3.96
CA ALA D 65 29.98 -6.01 -4.92
C ALA D 65 30.43 -4.72 -4.24
N THR D 66 31.59 -4.20 -4.62
CA THR D 66 31.97 -2.84 -4.24
C THR D 66 31.14 -1.86 -5.05
N HIS D 67 31.06 -0.63 -4.58
CA HIS D 67 30.29 0.42 -5.27
C HIS D 67 30.71 0.57 -6.73
N ASP D 68 32.01 0.53 -7.00
CA ASP D 68 32.51 0.66 -8.36
C ASP D 68 32.28 -0.58 -9.20
N GLN D 69 32.35 -1.74 -8.57
CA GLN D 69 31.95 -2.98 -9.25
C GLN D 69 30.49 -2.94 -9.72
N ALA D 70 29.61 -2.44 -8.86
CA ALA D 70 28.18 -2.38 -9.14
C ALA D 70 27.87 -1.34 -10.21
N VAL D 71 28.49 -0.16 -10.08
CA VAL D 71 28.39 0.88 -11.09
C VAL D 71 28.81 0.32 -12.45
N GLN D 72 29.89 -0.46 -12.43
CA GLN D 72 30.48 -1.05 -13.61
C GLN D 72 29.50 -1.99 -14.27
N ALA D 73 28.98 -2.93 -13.48
CA ALA D 73 28.00 -3.92 -13.95
C ALA D 73 26.72 -3.30 -14.47
N LEU D 74 26.26 -2.23 -13.83
CA LEU D 74 25.00 -1.62 -14.23
C LEU D 74 25.17 -0.77 -15.48
N LYS D 75 26.35 -0.18 -15.66
CA LYS D 75 26.64 0.63 -16.84
C LYS D 75 27.02 -0.20 -18.07
N ARG D 76 27.64 -1.36 -17.86
CA ARG D 76 28.02 -2.23 -18.97
C ARG D 76 26.93 -3.22 -19.34
N ALA D 77 25.79 -3.18 -18.65
CA ALA D 77 24.68 -4.08 -18.95
C ALA D 77 24.01 -3.68 -20.27
N GLY D 78 23.41 -4.64 -20.96
CA GLY D 78 22.75 -4.40 -22.26
C GLY D 78 21.48 -3.56 -22.11
N LYS D 79 20.84 -3.23 -23.23
CA LYS D 79 19.69 -2.30 -23.19
C LYS D 79 18.57 -2.89 -22.34
N GLU D 80 18.33 -4.18 -22.50
CA GLU D 80 17.35 -4.90 -21.71
C GLU D 80 18.06 -5.44 -20.48
N VAL D 81 17.60 -5.00 -19.31
CA VAL D 81 18.25 -5.33 -18.05
C VAL D 81 17.30 -6.07 -17.10
N LEU D 82 17.74 -7.23 -16.62
CA LEU D 82 16.98 -7.99 -15.64
C LEU D 82 17.69 -7.89 -14.28
N LEU D 83 17.03 -7.19 -13.37
CA LEU D 83 17.52 -7.01 -12.01
C LEU D 83 16.78 -7.95 -11.05
N GLU D 84 17.53 -8.55 -10.14
CA GLU D 84 16.97 -9.11 -8.91
C GLU D 84 17.10 -8.06 -7.85
N VAL D 85 15.98 -7.72 -7.22
CA VAL D 85 15.94 -6.69 -6.21
C VAL D 85 15.12 -7.20 -5.03
N LYS D 86 15.37 -6.59 -3.86
CA LYS D 86 14.65 -6.93 -2.64
C LYS D 86 14.39 -5.64 -1.94
N PHE D 87 13.13 -5.37 -1.63
CA PHE D 87 12.77 -4.17 -0.91
C PHE D 87 13.19 -4.26 0.56
N ILE D 88 13.75 -3.17 1.08
CA ILE D 88 14.14 -3.08 2.49
C ILE D 88 13.28 -2.04 3.19
N ARG D 89 12.42 -2.50 4.09
CA ARG D 89 11.64 -1.61 4.96
C ARG D 89 12.60 -0.72 5.70
N GLU D 90 12.28 0.56 5.79
CA GLU D 90 13.09 1.49 6.59
C GLU D 90 12.54 1.45 7.99
N VAL D 91 13.29 0.84 8.90
CA VAL D 91 12.87 0.79 10.31
C VAL D 91 13.81 1.68 11.11
N ASN D 92 13.23 2.66 11.80
CA ASN D 92 13.97 3.56 12.68
C ASN D 92 13.50 3.39 14.12
N THR D 93 14.37 2.88 14.99
CA THR D 93 14.05 2.74 16.40
C THR D 93 14.78 3.76 17.27
N VAL D 94 14.00 4.49 18.06
CA VAL D 94 14.51 5.42 19.07
C VAL D 94 15.11 4.66 20.28
N VAL D 95 16.42 4.86 20.49
CA VAL D 95 17.13 4.31 21.66
C VAL D 95 17.70 5.44 22.54
C1 EDO E . -46.70 8.38 -14.96
O1 EDO E . -47.59 9.12 -15.84
C2 EDO E . -45.39 8.02 -15.65
O2 EDO E . -44.56 9.18 -15.90
C1 EDO F . -43.75 2.07 -0.05
O1 EDO F . -42.99 2.50 1.08
C2 EDO F . -43.28 0.72 -0.52
O2 EDO F . -43.03 -0.13 0.60
C1 EDO G . 34.07 0.18 23.06
O1 EDO G . 35.14 -0.35 22.26
C2 EDO G . 32.78 -0.65 22.98
O2 EDO G . 33.05 -2.05 22.89
#